data_2GLZ
#
_entry.id   2GLZ
#
_cell.length_a   46.425
_cell.length_b   84.791
_cell.length_c   100.711
_cell.angle_alpha   90.000
_cell.angle_beta   90.000
_cell.angle_gamma   90.000
#
_symmetry.space_group_name_H-M   'P 21 21 21'
#
loop_
_entity.id
_entity.type
_entity.pdbx_description
1 polymer 'similar to Formylmethanofuran dehydrogenase subunit E'
2 non-polymer 'ZINC ION'
3 non-polymer 'NICKEL (II) ION'
4 non-polymer 1,2-ETHANEDIOL
5 water water
#
_entity_poly.entity_id   1
_entity_poly.type   'polypeptide(L)'
_entity_poly.pdbx_seq_one_letter_code
;G(MSE)CVEKTPWELVIDFHGHTCPDIALGYRIAQLAQRE(MSE)GIRPAPDSECLVKAYTQSCALDAIQVLNKATIGRH
ALIIEETHRY(MSE)YQFHFTGTQDIHQFTVSPAVLDHLETLRHPDLSPRERQNKVLEGVQYVLTLEESAFCHYDKIPGQ
LSKIV
;
_entity_poly.pdbx_strand_id   A,B
#
# COMPACT_ATOMS: atom_id res chain seq x y z
N VAL A 4 2.87 -6.30 25.24
CA VAL A 4 1.84 -5.29 24.79
C VAL A 4 1.98 -4.92 23.31
N GLU A 5 1.55 -5.81 22.43
CA GLU A 5 1.59 -5.60 20.99
C GLU A 5 0.55 -4.57 20.55
N LYS A 6 0.82 -3.91 19.44
CA LYS A 6 -0.18 -3.02 18.82
C LYS A 6 -1.37 -3.86 18.40
N THR A 7 -2.55 -3.25 18.50
CA THR A 7 -3.76 -3.93 18.09
C THR A 7 -3.88 -3.84 16.60
N PRO A 8 -4.68 -4.75 16.00
CA PRO A 8 -4.97 -4.57 14.57
C PRO A 8 -5.41 -3.12 14.14
N TRP A 9 -6.26 -2.49 14.95
CA TRP A 9 -6.70 -1.13 14.67
C TRP A 9 -5.51 -0.19 14.67
N GLU A 10 -4.69 -0.29 15.70
CA GLU A 10 -3.52 0.62 15.84
C GLU A 10 -2.56 0.41 14.66
N LEU A 11 -2.36 -0.82 14.26
CA LEU A 11 -1.49 -1.10 13.10
C LEU A 11 -2.05 -0.43 11.83
N VAL A 12 -3.35 -0.53 11.59
CA VAL A 12 -3.95 0.10 10.45
C VAL A 12 -3.83 1.62 10.49
N ILE A 13 -4.17 2.21 11.63
CA ILE A 13 -4.16 3.66 11.69
C ILE A 13 -2.72 4.21 11.58
N ASP A 14 -1.76 3.54 12.22
CA ASP A 14 -0.33 3.90 12.09
C ASP A 14 0.10 3.94 10.61
N PHE A 15 -0.29 2.92 9.86
CA PHE A 15 0.05 2.88 8.44
C PHE A 15 -0.70 3.91 7.59
N HIS A 16 -1.99 4.06 7.87
CA HIS A 16 -2.85 4.93 7.10
C HIS A 16 -2.62 6.41 7.37
N GLY A 17 -2.32 6.73 8.62
CA GLY A 17 -1.84 8.05 9.00
C GLY A 17 -2.89 9.01 9.51
N HIS A 18 -4.12 8.53 9.60
CA HIS A 18 -5.22 9.28 10.18
C HIS A 18 -6.40 8.36 10.42
N THR A 19 -7.36 8.89 11.16
CA THR A 19 -8.58 8.16 11.44
C THR A 19 -9.74 8.82 10.70
N CYS A 20 -10.41 8.05 9.87
CA CYS A 20 -11.46 8.55 9.00
C CYS A 20 -12.52 7.44 8.90
N PRO A 21 -13.74 7.78 8.49
CA PRO A 21 -14.73 6.71 8.34
C PRO A 21 -14.36 5.65 7.28
N ASP A 22 -13.68 6.05 6.21
CA ASP A 22 -13.37 5.14 5.13
C ASP A 22 -12.33 4.10 5.59
N ILE A 23 -11.37 4.51 6.39
CA ILE A 23 -10.45 3.49 6.92
C ILE A 23 -11.17 2.53 7.90
N ALA A 24 -12.16 3.04 8.62
CA ALA A 24 -12.94 2.19 9.50
C ALA A 24 -13.73 1.13 8.67
N LEU A 25 -14.27 1.55 7.53
CA LEU A 25 -14.92 0.64 6.63
CA LEU A 25 -14.90 0.64 6.55
C LEU A 25 -13.94 -0.45 6.16
N GLY A 26 -12.74 -0.05 5.77
CA GLY A 26 -11.77 -1.04 5.34
C GLY A 26 -11.36 -1.98 6.50
N TYR A 27 -11.19 -1.48 7.76
CA TYR A 27 -10.89 -2.31 8.92
C TYR A 27 -11.95 -3.40 9.05
N ARG A 28 -13.22 -3.01 8.90
CA ARG A 28 -14.30 -4.00 9.03
C ARG A 28 -14.29 -5.04 7.93
N ILE A 29 -14.10 -4.61 6.69
CA ILE A 29 -14.04 -5.55 5.56
C ILE A 29 -12.83 -6.50 5.73
N ALA A 30 -11.69 -5.95 6.08
CA ALA A 30 -10.51 -6.78 6.32
C ALA A 30 -10.73 -7.82 7.36
N GLN A 31 -11.28 -7.46 8.51
CA GLN A 31 -11.50 -8.41 9.55
C GLN A 31 -12.55 -9.44 9.21
N LEU A 32 -13.59 -9.05 8.47
CA LEU A 32 -14.59 -10.00 8.05
C LEU A 32 -14.01 -11.00 7.05
N ALA A 33 -13.15 -10.51 6.16
CA ALA A 33 -12.46 -11.40 5.19
C ALA A 33 -11.55 -12.36 5.94
N GLN A 34 -10.81 -11.89 6.93
CA GLN A 34 -10.00 -12.78 7.74
C GLN A 34 -10.83 -13.90 8.35
N ARG A 35 -11.99 -13.55 8.89
CA ARG A 35 -12.86 -14.54 9.49
C ARG A 35 -13.43 -15.56 8.48
N GLU A 36 -13.96 -15.08 7.37
CA GLU A 36 -14.67 -15.93 6.45
C GLU A 36 -13.79 -16.72 5.48
N GLY A 38 -11.13 -18.48 5.96
CA GLY A 38 -10.69 -19.77 6.49
C GLY A 38 -9.17 -19.84 6.61
N ILE A 39 -8.69 -21.03 6.86
CA ILE A 39 -7.26 -21.23 7.10
C ILE A 39 -6.47 -21.24 5.77
N ARG A 40 -5.44 -20.41 5.66
CA ARG A 40 -4.58 -20.42 4.47
CA ARG A 40 -4.59 -20.40 4.48
C ARG A 40 -4.15 -21.85 4.18
N PRO A 41 -4.43 -22.36 2.95
CA PRO A 41 -4.26 -23.78 2.70
C PRO A 41 -2.86 -24.32 2.48
N ALA A 42 -1.90 -23.46 2.14
CA ALA A 42 -0.52 -23.90 1.88
C ALA A 42 0.38 -22.72 2.16
N PRO A 43 1.68 -22.99 2.45
CA PRO A 43 2.59 -21.86 2.71
C PRO A 43 2.74 -20.91 1.51
N ASP A 44 2.64 -21.44 0.29
CA ASP A 44 2.78 -20.64 -0.90
C ASP A 44 1.44 -20.01 -1.36
N SER A 45 0.34 -20.28 -0.66
CA SER A 45 -0.94 -19.67 -1.02
C SER A 45 -0.89 -18.22 -0.61
N GLU A 46 -1.30 -17.35 -1.50
CA GLU A 46 -1.30 -15.92 -1.28
C GLU A 46 -2.72 -15.36 -1.30
N CYS A 47 -2.98 -14.38 -0.42
CA CYS A 47 -4.24 -13.65 -0.44
C CYS A 47 -4.16 -12.55 -1.49
N LEU A 48 -4.96 -12.65 -2.54
CA LEU A 48 -5.11 -11.64 -3.58
C LEU A 48 -6.44 -10.96 -3.40
N VAL A 49 -6.49 -9.65 -3.68
CA VAL A 49 -7.67 -8.86 -3.51
C VAL A 49 -7.87 -7.96 -4.68
N LYS A 50 -9.09 -7.96 -5.17
CA LYS A 50 -9.51 -7.07 -6.25
C LYS A 50 -10.53 -6.10 -5.63
N ALA A 51 -10.20 -4.81 -5.67
CA ALA A 51 -11.03 -3.73 -5.16
C ALA A 51 -11.58 -2.94 -6.31
N TYR A 52 -12.88 -2.57 -6.19
CA TYR A 52 -13.50 -1.89 -7.29
C TYR A 52 -13.63 -0.37 -7.08
N THR A 53 -12.96 0.12 -6.04
CA THR A 53 -12.70 1.55 -5.94
C THR A 53 -11.44 1.75 -5.13
N GLN A 54 -10.76 2.87 -5.38
CA GLN A 54 -9.56 3.27 -4.63
C GLN A 54 -10.00 4.29 -3.58
N SER A 55 -9.81 3.93 -2.33
CA SER A 55 -10.13 4.79 -1.19
C SER A 55 -9.30 4.39 -0.01
N CYS A 56 -9.46 5.14 1.08
CA CYS A 56 -8.69 4.89 2.29
C CYS A 56 -8.71 3.44 2.77
N ALA A 57 -9.90 2.84 2.75
CA ALA A 57 -10.15 1.45 3.08
C ALA A 57 -9.08 0.46 2.59
N LEU A 58 -8.51 0.70 1.40
CA LEU A 58 -7.52 -0.20 0.84
C LEU A 58 -6.36 -0.41 1.85
N ASP A 59 -6.03 0.62 2.58
CA ASP A 59 -4.89 0.49 3.48
C ASP A 59 -5.10 -0.52 4.62
N ALA A 60 -6.32 -0.70 5.11
CA ALA A 60 -6.61 -1.72 6.12
C ALA A 60 -6.41 -3.13 5.56
N ILE A 61 -6.81 -3.28 4.31
CA ILE A 61 -6.63 -4.55 3.54
C ILE A 61 -5.15 -4.85 3.39
N GLN A 62 -4.38 -3.85 2.95
CA GLN A 62 -2.93 -4.04 2.84
C GLN A 62 -2.29 -4.51 4.18
N VAL A 63 -2.61 -3.90 5.32
CA VAL A 63 -2.02 -4.17 6.62
C VAL A 63 -2.53 -5.50 7.18
N LEU A 64 -3.84 -5.74 7.15
CA LEU A 64 -4.39 -6.87 7.89
C LEU A 64 -4.51 -8.11 7.02
N ASN A 65 -4.84 -7.97 5.74
CA ASN A 65 -4.93 -9.14 4.86
C ASN A 65 -3.61 -9.47 4.13
N LYS A 66 -2.67 -8.53 4.24
CA LYS A 66 -1.30 -8.61 3.71
CA LYS A 66 -1.31 -8.71 3.69
C LYS A 66 -1.26 -8.61 2.16
N ALA A 67 -2.32 -8.15 1.52
CA ALA A 67 -2.41 -8.06 0.08
C ALA A 67 -1.98 -6.65 -0.27
N THR A 68 -0.74 -6.52 -0.73
CA THR A 68 -0.15 -5.18 -0.92
C THR A 68 0.01 -4.84 -2.40
N ILE A 69 0.13 -3.54 -2.68
CA ILE A 69 0.38 -3.05 -4.02
CA ILE A 69 0.34 -3.09 -4.04
C ILE A 69 1.72 -3.51 -4.55
N GLY A 70 2.74 -3.51 -3.66
CA GLY A 70 4.08 -3.90 -4.06
C GLY A 70 4.20 -5.33 -4.53
N ARG A 71 3.39 -6.21 -3.94
CA ARG A 71 3.35 -7.62 -4.33
C ARG A 71 2.46 -7.91 -5.53
N HIS A 72 1.82 -6.89 -6.09
CA HIS A 72 0.79 -7.08 -7.11
C HIS A 72 -0.38 -7.91 -6.59
N ALA A 73 -0.58 -7.91 -5.28
CA ALA A 73 -1.59 -8.74 -4.63
C ALA A 73 -2.88 -7.95 -4.44
N LEU A 74 -2.80 -6.63 -4.53
CA LEU A 74 -3.95 -5.74 -4.45
C LEU A 74 -4.09 -5.17 -5.79
N ILE A 75 -5.26 -5.42 -6.35
CA ILE A 75 -5.60 -5.10 -7.69
C ILE A 75 -6.75 -4.11 -7.62
N ILE A 76 -6.61 -2.98 -8.31
CA ILE A 76 -7.63 -1.94 -8.27
C ILE A 76 -8.20 -1.83 -9.65
N GLU A 77 -9.53 -2.00 -9.76
CA GLU A 77 -10.26 -1.72 -10.98
C GLU A 77 -11.30 -0.65 -10.66
N GLU A 78 -10.99 0.60 -10.97
CA GLU A 78 -11.79 1.73 -10.50
C GLU A 78 -13.11 1.82 -11.21
N THR A 79 -14.17 1.44 -10.51
CA THR A 79 -15.53 1.51 -11.07
C THR A 79 -16.44 2.25 -10.08
N HIS A 80 -15.87 2.88 -9.07
CA HIS A 80 -16.62 3.64 -8.07
C HIS A 80 -17.57 2.78 -7.27
N ARG A 81 -17.19 1.51 -7.12
N ARG A 81 -17.19 1.54 -7.06
CA ARG A 81 -17.92 0.55 -6.31
CA ARG A 81 -18.02 0.58 -6.33
C ARG A 81 -17.15 0.10 -5.10
C ARG A 81 -17.23 0.03 -5.16
N TYR A 82 -17.79 0.17 -3.95
CA TYR A 82 -17.23 -0.39 -2.72
C TYR A 82 -17.47 -1.90 -2.65
N TYR A 84 -15.24 -5.69 -2.88
CA TYR A 84 -13.94 -6.29 -2.63
C TYR A 84 -14.06 -7.79 -2.86
N GLN A 85 -13.17 -8.35 -3.69
CA GLN A 85 -13.07 -9.80 -3.92
C GLN A 85 -11.75 -10.30 -3.37
N PHE A 86 -11.84 -11.30 -2.53
CA PHE A 86 -10.67 -11.89 -1.84
C PHE A 86 -10.49 -13.33 -2.32
N HIS A 87 -9.24 -13.77 -2.50
CA HIS A 87 -8.97 -15.11 -2.98
C HIS A 87 -7.65 -15.62 -2.47
N PHE A 88 -7.67 -16.82 -1.89
CA PHE A 88 -6.42 -17.52 -1.62
C PHE A 88 -6.01 -18.28 -2.89
N THR A 89 -4.79 -18.08 -3.35
CA THR A 89 -4.35 -18.78 -4.55
C THR A 89 -4.33 -20.28 -4.34
N GLY A 90 -4.69 -21.01 -5.37
CA GLY A 90 -4.81 -22.44 -5.34
C GLY A 90 -6.20 -22.95 -4.96
N THR A 91 -7.04 -22.02 -4.50
CA THR A 91 -8.42 -22.38 -4.16
C THR A 91 -9.36 -22.08 -5.32
N GLN A 92 -10.63 -22.39 -5.08
CA GLN A 92 -11.68 -22.31 -6.10
C GLN A 92 -12.62 -21.14 -5.89
N ASP A 93 -12.40 -20.38 -4.81
CA ASP A 93 -13.40 -19.49 -4.27
C ASP A 93 -12.97 -18.03 -4.27
N ILE A 94 -13.97 -17.15 -4.50
CA ILE A 94 -13.85 -15.73 -4.23
C ILE A 94 -14.79 -15.37 -3.07
N HIS A 95 -14.24 -14.70 -2.08
CA HIS A 95 -15.02 -14.16 -0.97
C HIS A 95 -15.31 -12.70 -1.31
N GLN A 96 -16.54 -12.41 -1.69
CA GLN A 96 -16.92 -11.11 -2.17
C GLN A 96 -17.74 -10.31 -1.16
N PHE A 97 -17.33 -9.06 -0.92
CA PHE A 97 -17.99 -8.22 0.11
C PHE A 97 -18.37 -6.92 -0.61
N THR A 98 -19.61 -6.53 -0.45
CA THR A 98 -20.13 -5.31 -1.08
C THR A 98 -20.69 -4.47 0.07
N VAL A 99 -20.10 -3.29 0.29
CA VAL A 99 -20.61 -2.40 1.32
C VAL A 99 -21.99 -1.92 0.96
N SER A 100 -22.89 -1.94 1.95
CA SER A 100 -24.27 -1.54 1.73
CA SER A 100 -24.28 -1.51 1.75
C SER A 100 -24.35 -0.11 1.20
N PRO A 101 -25.11 0.10 0.11
CA PRO A 101 -25.27 1.43 -0.45
C PRO A 101 -25.71 2.50 0.57
N ALA A 102 -26.56 2.10 1.52
CA ALA A 102 -27.06 3.05 2.55
C ALA A 102 -25.93 3.60 3.43
N VAL A 103 -24.93 2.76 3.64
CA VAL A 103 -23.78 3.15 4.44
C VAL A 103 -23.02 4.26 3.75
N LEU A 104 -22.76 4.06 2.47
CA LEU A 104 -22.03 5.05 1.66
C LEU A 104 -22.83 6.36 1.55
N ASP A 105 -24.14 6.23 1.40
CA ASP A 105 -25.07 7.38 1.32
CA ASP A 105 -25.01 7.40 1.33
C ASP A 105 -24.94 8.24 2.60
N HIS A 106 -24.97 7.57 3.75
CA HIS A 106 -24.94 8.31 5.00
C HIS A 106 -23.59 8.97 5.24
N LEU A 107 -22.51 8.26 4.96
CA LEU A 107 -21.19 8.86 5.08
C LEU A 107 -20.99 10.11 4.21
N GLU A 108 -21.58 10.11 3.03
CA GLU A 108 -21.53 11.28 2.15
C GLU A 108 -22.17 12.51 2.77
N THR A 109 -23.23 12.31 3.56
CA THR A 109 -23.90 13.44 4.22
C THR A 109 -23.00 14.15 5.22
N LEU A 110 -21.97 13.46 5.72
CA LEU A 110 -21.11 14.02 6.77
C LEU A 110 -19.95 14.88 6.21
N ARG A 111 -19.90 14.99 4.89
CA ARG A 111 -18.91 15.80 4.22
C ARG A 111 -19.63 16.92 3.49
N HIS A 112 -19.40 18.16 3.93
CA HIS A 112 -19.90 19.32 3.22
C HIS A 112 -18.70 20.21 2.92
N PRO A 113 -18.77 20.92 1.78
CA PRO A 113 -17.66 21.78 1.36
C PRO A 113 -17.43 22.97 2.31
N ASP A 114 -18.52 23.49 2.89
CA ASP A 114 -18.46 24.70 3.72
C ASP A 114 -18.68 24.44 5.21
N LEU A 115 -17.88 23.55 5.79
CA LEU A 115 -17.87 23.31 7.23
C LEU A 115 -16.69 24.04 7.87
N SER A 116 -16.86 24.47 9.11
CA SER A 116 -15.71 24.89 9.92
C SER A 116 -14.82 23.68 10.19
N PRO A 117 -13.51 23.91 10.43
CA PRO A 117 -12.65 22.76 10.69
C PRO A 117 -13.11 21.97 11.93
N ARG A 118 -13.55 22.66 12.98
CA ARG A 118 -14.13 21.98 14.17
C ARG A 118 -15.34 21.12 13.82
N GLU A 119 -16.24 21.66 13.00
CA GLU A 119 -17.43 20.93 12.59
C GLU A 119 -17.07 19.73 11.73
N ARG A 120 -16.11 19.93 10.81
CA ARG A 120 -15.73 18.85 9.90
C ARG A 120 -15.13 17.73 10.71
N GLN A 121 -14.29 18.07 11.68
CA GLN A 121 -13.63 17.03 12.46
C GLN A 121 -14.62 16.26 13.35
N ASN A 122 -15.61 16.96 13.89
CA ASN A 122 -16.68 16.29 14.61
C ASN A 122 -17.42 15.28 13.75
N LYS A 123 -17.71 15.66 12.51
CA LYS A 123 -18.39 14.74 11.60
C LYS A 123 -17.51 13.52 11.19
N VAL A 124 -16.19 13.71 11.13
CA VAL A 124 -15.26 12.59 10.91
C VAL A 124 -15.42 11.55 12.03
N LEU A 125 -15.47 12.02 13.27
CA LEU A 125 -15.51 11.09 14.38
C LEU A 125 -16.87 10.43 14.45
N GLU A 126 -17.91 11.18 14.12
CA GLU A 126 -19.26 10.61 14.04
C GLU A 126 -19.33 9.51 12.98
N GLY A 127 -18.72 9.73 11.81
CA GLY A 127 -18.71 8.71 10.77
C GLY A 127 -18.02 7.41 11.19
N VAL A 128 -16.95 7.53 11.96
CA VAL A 128 -16.28 6.36 12.49
C VAL A 128 -17.18 5.65 13.49
N GLN A 129 -17.83 6.37 14.40
CA GLN A 129 -18.80 5.72 15.29
C GLN A 129 -19.83 4.95 14.48
N TYR A 130 -20.34 5.60 13.43
CA TYR A 130 -21.39 4.99 12.62
C TYR A 130 -20.91 3.68 12.01
N VAL A 131 -19.76 3.72 11.34
CA VAL A 131 -19.26 2.51 10.71
C VAL A 131 -19.07 1.39 11.74
N LEU A 132 -18.47 1.70 12.89
CA LEU A 132 -18.10 0.68 13.87
C LEU A 132 -19.30 0.09 14.62
N THR A 133 -20.43 0.81 14.63
CA THR A 133 -21.60 0.31 15.34
C THR A 133 -22.62 -0.39 14.43
N LEU A 134 -22.42 -0.37 13.11
CA LEU A 134 -23.35 -1.12 12.24
C LEU A 134 -23.30 -2.62 12.53
N GLU A 135 -24.45 -3.27 12.47
CA GLU A 135 -24.46 -4.72 12.51
C GLU A 135 -23.91 -5.22 11.19
N GLU A 136 -23.31 -6.40 11.21
CA GLU A 136 -22.70 -6.91 9.97
C GLU A 136 -23.61 -6.90 8.75
N SER A 137 -24.86 -7.32 8.92
CA SER A 137 -25.82 -7.42 7.82
C SER A 137 -26.20 -6.06 7.26
N ALA A 138 -26.16 -5.04 8.12
CA ALA A 138 -26.38 -3.67 7.74
C ALA A 138 -25.13 -3.11 7.03
N PHE A 139 -23.95 -3.61 7.39
CA PHE A 139 -22.69 -3.06 6.91
C PHE A 139 -22.39 -3.50 5.47
N CYS A 140 -22.53 -4.79 5.21
CA CYS A 140 -22.19 -5.31 3.86
C CYS A 140 -22.95 -6.59 3.57
N HIS A 141 -22.85 -6.99 2.31
CA HIS A 141 -23.37 -8.24 1.82
C HIS A 141 -22.18 -9.10 1.39
N TYR A 142 -22.17 -10.35 1.82
CA TYR A 142 -21.12 -11.31 1.56
C TYR A 142 -21.63 -12.43 0.68
N ASP A 143 -20.87 -12.72 -0.38
CA ASP A 143 -21.11 -13.87 -1.25
C ASP A 143 -19.79 -14.64 -1.37
N LYS A 144 -19.84 -15.96 -1.16
CA LYS A 144 -18.76 -16.87 -1.49
C LYS A 144 -19.12 -17.54 -2.78
N ILE A 145 -18.37 -17.24 -3.83
CA ILE A 145 -18.70 -17.70 -5.18
C ILE A 145 -17.52 -18.43 -5.82
N PRO A 146 -17.78 -19.31 -6.80
CA PRO A 146 -16.68 -19.88 -7.56
C PRO A 146 -15.94 -18.80 -8.37
N GLY A 147 -14.62 -18.82 -8.28
CA GLY A 147 -13.84 -17.85 -9.01
C GLY A 147 -12.40 -17.89 -8.53
N GLN A 148 -11.53 -17.31 -9.32
CA GLN A 148 -10.16 -17.09 -8.96
C GLN A 148 -9.70 -15.71 -9.37
N LEU A 149 -8.69 -15.22 -8.68
CA LEU A 149 -7.94 -14.03 -9.06
C LEU A 149 -6.54 -14.49 -9.38
N SER A 150 -5.86 -13.74 -10.25
CA SER A 150 -4.41 -13.95 -10.43
C SER A 150 -3.68 -12.64 -10.68
N LYS A 151 -2.37 -12.66 -10.47
CA LYS A 151 -1.57 -11.46 -10.72
C LYS A 151 -1.40 -11.28 -12.22
N ILE A 152 -1.22 -10.02 -12.62
CA ILE A 152 -1.04 -9.65 -14.03
C ILE A 152 0.39 -9.93 -14.49
N GLU B 5 9.80 -1.38 19.87
CA GLU B 5 9.44 -0.83 18.53
C GLU B 5 10.30 -1.48 17.43
N LYS B 6 9.66 -1.79 16.31
CA LYS B 6 10.38 -2.50 15.24
C LYS B 6 11.30 -1.54 14.53
N THR B 7 12.39 -2.06 13.99
CA THR B 7 13.23 -1.23 13.11
C THR B 7 12.51 -0.91 11.80
N PRO B 8 12.96 0.15 11.11
CA PRO B 8 12.40 0.38 9.77
C PRO B 8 12.49 -0.84 8.84
N TRP B 9 13.59 -1.60 8.90
CA TRP B 9 13.70 -2.78 8.03
C TRP B 9 12.68 -3.84 8.42
N GLU B 10 12.54 -4.10 9.70
CA GLU B 10 11.50 -5.04 10.25
C GLU B 10 10.10 -4.61 9.79
N LEU B 11 9.77 -3.35 9.97
CA LEU B 11 8.46 -2.80 9.50
C LEU B 11 8.23 -3.05 8.02
N VAL B 12 9.23 -2.80 7.18
CA VAL B 12 9.07 -3.00 5.75
C VAL B 12 8.93 -4.49 5.40
N ILE B 13 9.78 -5.34 5.97
CA ILE B 13 9.74 -6.75 5.61
C ILE B 13 8.46 -7.40 6.12
N ASP B 14 8.00 -7.01 7.28
CA ASP B 14 6.79 -7.59 7.84
C ASP B 14 5.59 -7.19 6.97
N PHE B 15 5.53 -5.94 6.54
CA PHE B 15 4.43 -5.51 5.66
C PHE B 15 4.54 -6.16 4.28
N HIS B 16 5.74 -6.29 3.76
CA HIS B 16 5.89 -6.77 2.41
C HIS B 16 5.72 -8.29 2.30
N GLY B 17 6.19 -8.99 3.33
CA GLY B 17 5.97 -10.45 3.46
C GLY B 17 7.09 -11.35 2.97
N HIS B 18 8.14 -10.78 2.40
CA HIS B 18 9.35 -11.53 2.11
C HIS B 18 10.52 -10.57 1.90
N THR B 19 11.70 -11.13 1.77
CA THR B 19 12.91 -10.34 1.58
C THR B 19 13.45 -10.69 0.23
N CYS B 20 13.41 -9.71 -0.67
CA CYS B 20 13.76 -9.87 -2.08
C CYS B 20 14.64 -8.66 -2.48
N PRO B 21 15.35 -8.76 -3.61
CA PRO B 21 16.14 -7.62 -4.04
C PRO B 21 15.35 -6.33 -4.31
N ASP B 22 14.13 -6.47 -4.82
CA ASP B 22 13.34 -5.30 -5.19
C ASP B 22 12.87 -4.56 -3.94
N ILE B 23 12.53 -5.27 -2.86
CA ILE B 23 12.19 -4.56 -1.60
C ILE B 23 13.40 -3.84 -1.02
N ALA B 24 14.58 -4.44 -1.20
CA ALA B 24 15.83 -3.81 -0.76
C ALA B 24 16.06 -2.51 -1.54
N LEU B 25 15.83 -2.50 -2.87
N LEU B 25 15.80 -2.56 -2.82
CA LEU B 25 15.84 -1.27 -3.70
CA LEU B 25 15.87 -1.40 -3.68
C LEU B 25 14.92 -0.24 -3.05
C LEU B 25 14.90 -0.28 -3.24
N GLY B 26 13.69 -0.67 -2.80
CA GLY B 26 12.73 0.29 -2.28
C GLY B 26 13.11 0.85 -0.94
N TYR B 27 13.65 0.01 -0.09
CA TYR B 27 14.07 0.42 1.19
C TYR B 27 15.15 1.52 1.09
N ARG B 28 16.09 1.32 0.19
CA ARG B 28 17.17 2.31 0.06
C ARG B 28 16.59 3.61 -0.54
N ILE B 29 15.72 3.54 -1.56
CA ILE B 29 15.13 4.75 -2.08
C ILE B 29 14.35 5.48 -0.98
N ALA B 30 13.54 4.74 -0.23
CA ALA B 30 12.79 5.35 0.85
C ALA B 30 13.65 6.06 1.90
N GLN B 31 14.75 5.47 2.31
N GLN B 31 14.73 5.39 2.28
CA GLN B 31 15.56 6.12 3.32
CA GLN B 31 15.74 5.90 3.20
C GLN B 31 16.33 7.30 2.69
C GLN B 31 16.31 7.22 2.69
N LEU B 32 16.72 7.23 1.43
CA LEU B 32 17.35 8.39 0.83
C LEU B 32 16.37 9.55 0.69
N ALA B 33 15.14 9.24 0.32
CA ALA B 33 14.11 10.28 0.20
C ALA B 33 13.88 10.87 1.58
N GLN B 34 13.78 10.06 2.66
CA GLN B 34 13.55 10.55 4.01
C GLN B 34 14.68 11.49 4.41
N ARG B 35 15.91 11.16 4.03
CA ARG B 35 17.03 12.03 4.31
C ARG B 35 17.01 13.35 3.52
N GLU B 36 16.85 13.26 2.21
N GLU B 36 16.88 13.25 2.20
CA GLU B 36 17.00 14.44 1.36
CA GLU B 36 17.00 14.42 1.34
C GLU B 36 15.80 15.38 1.31
C GLU B 36 15.84 15.40 1.46
N GLY B 38 14.09 16.54 3.78
CA GLY B 38 14.09 17.50 4.89
C GLY B 38 12.88 17.35 5.80
N ILE B 39 12.75 18.31 6.70
CA ILE B 39 11.73 18.24 7.73
C ILE B 39 10.36 18.61 7.13
N ARG B 40 9.34 17.79 7.38
CA ARG B 40 7.99 18.07 6.91
CA ARG B 40 7.97 18.07 6.94
C ARG B 40 7.59 19.47 7.39
N PRO B 41 7.18 20.35 6.44
CA PRO B 41 7.04 21.76 6.81
C PRO B 41 5.83 22.22 7.62
N ALA B 42 4.80 21.37 7.66
CA ALA B 42 3.59 21.70 8.41
C ALA B 42 2.85 20.43 8.73
N PRO B 43 2.00 20.46 9.76
CA PRO B 43 1.27 19.23 10.05
C PRO B 43 0.36 18.79 8.91
N ASP B 44 -0.16 19.71 8.12
CA ASP B 44 -1.01 19.35 6.96
C ASP B 44 -0.21 19.01 5.67
N SER B 45 1.11 19.07 5.70
CA SER B 45 1.88 18.75 4.50
C SER B 45 1.94 17.24 4.39
N GLU B 46 1.70 16.74 3.19
CA GLU B 46 1.68 15.33 2.92
C GLU B 46 2.77 14.96 1.95
N CYS B 47 3.40 13.80 2.14
CA CYS B 47 4.35 13.25 1.18
C CYS B 47 3.56 12.57 0.07
N LEU B 48 3.68 13.06 -1.15
CA LEU B 48 3.16 12.42 -2.34
C LEU B 48 4.31 11.82 -3.11
N VAL B 49 4.08 10.63 -3.70
CA VAL B 49 5.10 9.96 -4.43
C VAL B 49 4.52 9.51 -5.76
N LYS B 50 5.23 9.81 -6.83
CA LYS B 50 4.88 9.32 -8.14
C LYS B 50 5.98 8.30 -8.54
N ALA B 51 5.56 7.08 -8.82
CA ALA B 51 6.45 5.95 -9.14
C ALA B 51 6.17 5.53 -10.57
N TYR B 52 7.23 5.27 -11.33
CA TYR B 52 7.11 4.96 -12.74
C TYR B 52 7.13 3.46 -13.03
N THR B 53 7.12 2.66 -11.98
CA THR B 53 6.82 1.24 -12.13
C THR B 53 6.22 0.67 -10.85
N GLN B 54 5.40 -0.37 -10.99
CA GLN B 54 4.86 -1.05 -9.80
C GLN B 54 5.71 -2.29 -9.58
N SER B 55 6.32 -2.33 -8.42
CA SER B 55 7.13 -3.48 -8.01
C SER B 55 7.19 -3.55 -6.51
N CYS B 56 7.86 -4.56 -5.98
CA CYS B 56 7.94 -4.73 -4.55
C CYS B 56 8.35 -3.46 -3.81
N ALA B 57 9.32 -2.77 -4.39
CA ALA B 57 9.91 -1.53 -3.86
C ALA B 57 8.86 -0.56 -3.27
N LEU B 58 7.71 -0.51 -3.89
CA LEU B 58 6.66 0.44 -3.47
C LEU B 58 6.22 0.23 -2.05
N ASP B 59 6.31 -1.00 -1.60
CA ASP B 59 5.90 -1.27 -0.22
C ASP B 59 6.79 -0.58 0.80
N ALA B 60 8.07 -0.46 0.49
CA ALA B 60 8.96 0.24 1.38
C ALA B 60 8.63 1.74 1.48
N ILE B 61 8.25 2.29 0.34
CA ILE B 61 7.84 3.70 0.23
C ILE B 61 6.54 3.88 1.06
N GLN B 62 5.56 3.00 0.86
CA GLN B 62 4.33 3.09 1.67
C GLN B 62 4.57 3.13 3.17
N VAL B 63 5.41 2.21 3.69
CA VAL B 63 5.69 2.04 5.10
C VAL B 63 6.56 3.20 5.61
N LEU B 64 7.63 3.57 4.91
CA LEU B 64 8.60 4.48 5.51
C LEU B 64 8.34 5.91 5.14
N ASN B 65 7.88 6.17 3.91
CA ASN B 65 7.59 7.53 3.55
C ASN B 65 6.15 7.93 3.78
N LYS B 66 5.33 6.97 4.19
N LYS B 66 5.33 6.99 4.25
CA LYS B 66 3.91 7.18 4.55
CA LYS B 66 3.92 7.27 4.51
C LYS B 66 2.96 7.51 3.38
C LYS B 66 3.24 7.91 3.33
N ALA B 67 3.42 7.31 2.17
CA ALA B 67 2.70 7.67 0.99
C ALA B 67 2.02 6.39 0.50
N THR B 68 0.74 6.26 0.83
CA THR B 68 0.02 5.00 0.64
C THR B 68 -0.97 5.10 -0.49
N ILE B 69 -1.34 3.92 -0.99
CA ILE B 69 -2.30 3.88 -2.07
CA ILE B 69 -2.31 3.86 -2.06
C ILE B 69 -3.70 4.32 -1.57
N GLY B 70 -4.04 3.95 -0.33
CA GLY B 70 -5.35 4.29 0.22
C GLY B 70 -5.58 5.79 0.32
N ARG B 71 -4.50 6.52 0.55
CA ARG B 71 -4.55 7.98 0.68
C ARG B 71 -4.46 8.72 -0.67
N HIS B 72 -4.39 7.99 -1.79
CA HIS B 72 -4.10 8.55 -3.12
C HIS B 72 -2.77 9.33 -3.09
N ALA B 73 -1.86 8.94 -2.19
CA ALA B 73 -0.59 9.65 -2.04
C ALA B 73 0.54 8.97 -2.78
N LEU B 74 0.34 7.68 -3.07
CA LEU B 74 1.22 6.94 -3.98
C LEU B 74 0.51 6.82 -5.28
N ILE B 75 1.17 7.33 -6.30
CA ILE B 75 0.65 7.49 -7.62
C ILE B 75 1.52 6.62 -8.54
N ILE B 76 0.92 5.64 -9.20
CA ILE B 76 1.67 4.82 -10.14
C ILE B 76 1.38 5.21 -11.56
N GLU B 77 2.44 5.53 -12.28
CA GLU B 77 2.37 5.73 -13.73
C GLU B 77 3.25 4.66 -14.37
N GLU B 78 2.65 3.53 -14.72
CA GLU B 78 3.43 2.36 -15.13
C GLU B 78 4.08 2.57 -16.52
N THR B 79 5.38 2.79 -16.47
CA THR B 79 6.23 2.92 -17.65
C THR B 79 7.44 2.01 -17.58
N HIS B 80 7.45 1.07 -16.65
CA HIS B 80 8.54 0.10 -16.53
C HIS B 80 9.89 0.79 -16.21
N ARG B 81 9.83 1.87 -15.46
CA ARG B 81 11.02 2.63 -15.05
CA ARG B 81 11.02 2.63 -15.07
C ARG B 81 11.15 2.75 -13.56
N TYR B 82 12.34 2.47 -13.04
CA TYR B 82 12.62 2.58 -11.62
C TYR B 82 13.02 4.02 -11.28
N TYR B 84 11.40 7.52 -9.20
CA TYR B 84 10.49 7.91 -8.12
C TYR B 84 10.59 9.42 -7.91
N GLN B 85 9.45 10.11 -7.87
CA GLN B 85 9.37 11.56 -7.54
C GLN B 85 8.65 11.74 -6.21
N PHE B 86 9.29 12.44 -5.30
CA PHE B 86 8.75 12.69 -3.97
C PHE B 86 8.48 14.17 -3.78
N HIS B 87 7.37 14.50 -3.14
CA HIS B 87 6.95 15.90 -2.97
C HIS B 87 6.25 16.07 -1.63
N PHE B 88 6.66 17.03 -0.85
CA PHE B 88 5.84 17.48 0.29
C PHE B 88 4.88 18.56 -0.23
N THR B 89 3.60 18.37 0.00
CA THR B 89 2.63 19.35 -0.46
C THR B 89 2.88 20.70 0.21
N GLY B 90 2.67 21.76 -0.55
CA GLY B 90 2.96 23.10 -0.07
C GLY B 90 4.36 23.60 -0.37
N THR B 91 5.25 22.71 -0.83
CA THR B 91 6.60 23.09 -1.19
C THR B 91 6.71 23.28 -2.70
N GLN B 92 7.91 23.67 -3.13
CA GLN B 92 8.23 24.00 -4.52
C GLN B 92 9.00 22.93 -5.23
N ASP B 93 9.29 21.82 -4.56
CA ASP B 93 10.34 20.91 -4.99
C ASP B 93 9.86 19.49 -5.24
N ILE B 94 10.43 18.86 -6.28
CA ILE B 94 10.34 17.42 -6.45
C ILE B 94 11.74 16.81 -6.19
N HIS B 95 11.79 15.76 -5.37
CA HIS B 95 13.00 14.99 -5.10
C HIS B 95 12.93 13.73 -5.95
N GLN B 96 13.73 13.67 -7.02
CA GLN B 96 13.66 12.62 -8.01
C GLN B 96 14.83 11.66 -7.85
N PHE B 97 14.52 10.37 -7.79
CA PHE B 97 15.53 9.32 -7.68
C PHE B 97 15.37 8.31 -8.80
N THR B 98 16.45 8.03 -9.52
CA THR B 98 16.44 7.05 -10.59
C THR B 98 17.45 5.97 -10.28
N VAL B 99 16.99 4.72 -10.18
CA VAL B 99 17.90 3.61 -9.88
C VAL B 99 18.82 3.41 -11.04
N SER B 100 20.10 3.19 -10.79
CA SER B 100 21.05 3.04 -11.87
CA SER B 100 21.10 2.98 -11.84
C SER B 100 20.70 1.87 -12.79
N PRO B 101 20.71 2.13 -14.14
CA PRO B 101 20.44 1.02 -15.05
C PRO B 101 21.39 -0.20 -14.91
N ALA B 102 22.64 0.04 -14.49
CA ALA B 102 23.59 -1.05 -14.32
C ALA B 102 23.19 -1.95 -13.17
N VAL B 103 22.56 -1.36 -12.15
CA VAL B 103 22.06 -2.12 -11.01
C VAL B 103 20.92 -3.04 -11.42
N LEU B 104 19.99 -2.49 -12.20
CA LEU B 104 18.87 -3.28 -12.72
C LEU B 104 19.34 -4.37 -13.64
N ASP B 105 20.32 -4.06 -14.48
CA ASP B 105 20.89 -5.05 -15.40
C ASP B 105 21.48 -6.21 -14.60
N HIS B 106 22.25 -5.91 -13.56
CA HIS B 106 22.88 -6.96 -12.81
C HIS B 106 21.86 -7.82 -12.10
N LEU B 107 20.86 -7.21 -11.48
CA LEU B 107 19.76 -7.95 -10.85
C LEU B 107 19.05 -8.89 -11.83
N GLU B 108 18.82 -8.41 -13.05
CA GLU B 108 18.25 -9.28 -14.08
C GLU B 108 19.12 -10.51 -14.38
N THR B 109 20.44 -10.37 -14.37
CA THR B 109 21.32 -11.54 -14.59
C THR B 109 21.17 -12.61 -13.49
N LEU B 110 20.60 -12.26 -12.34
CA LEU B 110 20.41 -13.22 -11.24
C LEU B 110 19.10 -14.01 -11.35
N ARG B 111 18.30 -13.71 -12.37
CA ARG B 111 17.05 -14.43 -12.56
C ARG B 111 17.14 -15.25 -13.84
N HIS B 112 16.82 -16.54 -13.72
CA HIS B 112 16.81 -17.43 -14.86
C HIS B 112 15.57 -18.27 -14.75
N PRO B 113 15.00 -18.65 -15.90
CA PRO B 113 13.64 -19.18 -15.90
C PRO B 113 13.58 -20.57 -15.26
N ASP B 114 14.61 -21.39 -15.51
CA ASP B 114 14.67 -22.75 -15.03
C ASP B 114 15.78 -22.93 -14.01
N LEU B 115 15.70 -22.19 -12.91
CA LEU B 115 16.58 -22.44 -11.76
C LEU B 115 15.91 -23.47 -10.87
N SER B 116 16.72 -24.21 -10.13
CA SER B 116 16.20 -24.99 -9.02
C SER B 116 15.66 -24.03 -7.98
N PRO B 117 14.70 -24.48 -7.16
CA PRO B 117 14.28 -23.61 -6.05
C PRO B 117 15.44 -23.22 -5.12
N ARG B 118 16.42 -24.09 -4.95
CA ARG B 118 17.60 -23.80 -4.12
C ARG B 118 18.53 -22.77 -4.78
N GLU B 119 18.83 -22.97 -6.06
CA GLU B 119 19.64 -22.03 -6.83
C GLU B 119 18.94 -20.68 -6.84
N ARG B 120 17.62 -20.67 -7.05
CA ARG B 120 16.87 -19.43 -7.09
C ARG B 120 16.96 -18.71 -5.76
N GLN B 121 16.78 -19.42 -4.66
CA GLN B 121 16.82 -18.75 -3.37
C GLN B 121 18.23 -18.26 -3.06
N ASN B 122 19.24 -19.00 -3.50
CA ASN B 122 20.62 -18.53 -3.39
C ASN B 122 20.79 -17.19 -4.12
N LYS B 123 20.21 -17.10 -5.31
CA LYS B 123 20.36 -15.89 -6.12
C LYS B 123 19.58 -14.72 -5.50
N VAL B 124 18.44 -15.01 -4.89
CA VAL B 124 17.68 -14.00 -4.16
C VAL B 124 18.59 -13.37 -3.06
N LEU B 125 19.26 -14.21 -2.28
CA LEU B 125 20.12 -13.73 -1.20
C LEU B 125 21.30 -12.93 -1.75
N GLU B 126 21.89 -13.42 -2.84
CA GLU B 126 22.96 -12.70 -3.54
C GLU B 126 22.45 -11.31 -3.96
N GLY B 127 21.27 -11.24 -4.57
CA GLY B 127 20.76 -9.97 -5.06
C GLY B 127 20.43 -8.98 -3.95
N VAL B 128 19.88 -9.49 -2.85
CA VAL B 128 19.60 -8.63 -1.71
C VAL B 128 20.88 -7.98 -1.22
N GLN B 129 21.92 -8.79 -1.03
CA GLN B 129 23.14 -8.26 -0.47
C GLN B 129 23.77 -7.29 -1.46
N TYR B 130 23.70 -7.61 -2.76
CA TYR B 130 24.23 -6.72 -3.79
C TYR B 130 23.61 -5.33 -3.69
N VAL B 131 22.29 -5.26 -3.56
CA VAL B 131 21.64 -3.97 -3.39
C VAL B 131 22.13 -3.27 -2.13
N LEU B 132 22.21 -3.99 -1.02
CA LEU B 132 22.54 -3.38 0.26
C LEU B 132 23.99 -2.95 0.38
N THR B 133 24.91 -3.51 -0.40
CA THR B 133 26.30 -3.09 -0.34
C THR B 133 26.67 -1.99 -1.33
N LEU B 134 25.79 -1.65 -2.25
CA LEU B 134 26.10 -0.57 -3.20
C LEU B 134 26.39 0.74 -2.47
N GLU B 135 27.39 1.47 -2.92
CA GLU B 135 27.53 2.85 -2.47
C GLU B 135 26.44 3.70 -3.12
N GLU B 136 26.07 4.79 -2.43
CA GLU B 136 24.94 5.61 -2.87
C GLU B 136 25.12 6.06 -4.30
N SER B 137 26.35 6.46 -4.64
CA SER B 137 26.65 6.95 -5.99
C SER B 137 26.44 5.90 -7.06
N ALA B 138 26.64 4.65 -6.71
CA ALA B 138 26.47 3.52 -7.63
C ALA B 138 24.99 3.10 -7.76
N PHE B 139 24.25 3.38 -6.70
CA PHE B 139 22.87 2.89 -6.57
C PHE B 139 21.86 3.72 -7.36
N CYS B 140 21.95 5.04 -7.26
CA CYS B 140 20.93 5.85 -7.90
C CYS B 140 21.46 7.24 -8.18
N HIS B 141 20.73 7.94 -9.04
CA HIS B 141 20.95 9.33 -9.28
C HIS B 141 19.82 10.13 -8.70
N TYR B 142 20.17 11.22 -8.04
CA TYR B 142 19.19 12.10 -7.37
C TYR B 142 19.21 13.49 -8.01
N ASP B 143 18.03 14.01 -8.36
CA ASP B 143 17.87 15.41 -8.78
C ASP B 143 16.80 16.06 -7.90
N LYS B 144 17.11 17.25 -7.37
CA LYS B 144 16.12 18.08 -6.72
C LYS B 144 15.70 19.15 -7.72
N ILE B 145 14.44 19.13 -8.14
CA ILE B 145 13.99 20.01 -9.20
C ILE B 145 12.73 20.80 -8.81
N PRO B 146 12.57 21.98 -9.37
CA PRO B 146 11.32 22.67 -9.15
C PRO B 146 10.13 21.89 -9.68
N GLY B 147 9.12 21.70 -8.86
CA GLY B 147 7.94 21.02 -9.33
C GLY B 147 7.02 20.69 -8.20
N GLN B 148 5.80 20.24 -8.54
CA GLN B 148 4.85 19.80 -7.54
C GLN B 148 4.12 18.56 -8.06
N LEU B 149 3.65 17.75 -7.11
CA LEU B 149 2.69 16.67 -7.35
C LEU B 149 1.41 17.06 -6.66
N SER B 150 0.26 16.59 -7.18
CA SER B 150 -0.99 16.76 -6.46
C SER B 150 -1.81 15.50 -6.66
N LYS B 151 -2.66 15.21 -5.70
CA LYS B 151 -3.55 14.06 -5.80
C LYS B 151 -4.49 14.22 -6.99
N ILE B 152 -4.83 13.09 -7.62
CA ILE B 152 -5.68 13.07 -8.81
C ILE B 152 -7.12 13.06 -8.37
#